data_4ENH
#
_entry.id   4ENH
#
_cell.length_a   121.130
_cell.length_b   121.130
_cell.length_c   141.900
_cell.angle_alpha   90.000
_cell.angle_beta   90.000
_cell.angle_gamma   90.000
#
_symmetry.space_group_name_H-M   'I 41 2 2'
#
loop_
_entity.id
_entity.type
_entity.pdbx_description
1 polymer 'Cholesterol 24-hydroxylase'
2 non-polymer 'PROTOPORPHYRIN IX CONTAINING FE'
3 non-polymer Fluvoxamine
4 water water
#
_entity_poly.entity_id   1
_entity_poly.type   'polypeptide(L)'
_entity_poly.pdbx_seq_one_letter_code
;MAKKDEVGGRVLQDVFLDWAKKYGPVVRVNVFHKTSVIVTSPESVKKFLMSTKYNKDSKMYRALQTVFGERLFGQGLVSE
CNYERWHKQRRVIDLAFSRSSLVSLMETFNEKAEQLVEILEAKADGQTPVSMQDMLTYTAMDILAKAAFGMETSMLLGAQ
KPLSQAVKLMLEGITASRNTLAKFLPGKRKQLREVRESIRFLRQVGRDWVQRRREALKRGEEVPADILTQILKAEEGAQD
DEGLLDNFVTFFIAGHETSANHLAFTVMELSRQPEIVARLQAEVDEVIGSKRYLDFEDLGRLQYLSQVLKESLRLYPPAW
GTFRLLEEETLIDGVRVPGNTPLLFSTYVMGRMDTYFEDPLTFNPDRFGPGAPKPRFTYFPFSLGHRSCIGQQFAQMEVK
VVMAKLLQRLEFRLVPGQRFGLQEQATLKPLDPVLCTLRPRGWQPAPPPPPCHHHH
;
_entity_poly.pdbx_strand_id   A
#
# COMPACT_ATOMS: atom_id res chain seq x y z
N VAL A 11 8.75 -14.07 8.90
CA VAL A 11 8.46 -12.74 9.52
C VAL A 11 7.74 -12.79 10.89
N LEU A 12 7.70 -11.65 11.59
CA LEU A 12 7.11 -11.56 12.93
C LEU A 12 5.59 -11.86 12.92
N GLN A 13 4.96 -11.54 11.79
CA GLN A 13 3.55 -11.82 11.58
CA GLN A 13 3.55 -11.81 11.61
C GLN A 13 3.27 -13.34 11.57
N ASP A 14 4.26 -14.11 11.15
CA ASP A 14 4.14 -15.59 11.16
C ASP A 14 4.21 -16.20 12.55
N VAL A 15 4.81 -15.47 13.49
CA VAL A 15 4.86 -15.92 14.86
C VAL A 15 3.50 -15.66 15.47
N PHE A 16 2.94 -14.49 15.17
CA PHE A 16 1.62 -14.10 15.70
C PHE A 16 0.53 -15.08 15.24
N LEU A 17 0.61 -15.52 13.98
CA LEU A 17 -0.32 -16.48 13.44
C LEU A 17 -0.29 -17.80 14.22
N ASP A 18 0.92 -18.28 14.49
CA ASP A 18 1.14 -19.49 15.30
C ASP A 18 0.55 -19.32 16.68
N TRP A 19 0.76 -18.16 17.29
CA TRP A 19 0.22 -17.90 18.63
C TRP A 19 -1.30 -17.73 18.60
N ALA A 20 -1.80 -17.16 17.52
CA ALA A 20 -3.24 -17.04 17.31
C ALA A 20 -3.86 -18.42 17.21
N LYS A 21 -3.24 -19.29 16.41
CA LYS A 21 -3.77 -20.63 16.17
C LYS A 21 -3.76 -21.43 17.45
N LYS A 22 -2.75 -21.19 18.27
CA LYS A 22 -2.47 -22.02 19.41
C LYS A 22 -3.14 -21.55 20.69
N TYR A 23 -3.18 -20.23 20.90
CA TYR A 23 -3.67 -19.66 22.14
C TYR A 23 -4.99 -18.88 21.94
N GLY A 24 -5.56 -18.97 20.75
CA GLY A 24 -6.91 -18.49 20.52
C GLY A 24 -6.99 -17.04 20.11
N PRO A 25 -8.19 -16.47 20.22
CA PRO A 25 -8.52 -15.17 19.64
C PRO A 25 -8.04 -13.91 20.37
N VAL A 26 -7.45 -14.07 21.55
CA VAL A 26 -7.02 -12.92 22.36
C VAL A 26 -5.68 -13.25 23.02
N VAL A 27 -4.60 -12.69 22.48
CA VAL A 27 -3.26 -13.04 22.93
C VAL A 27 -2.45 -11.78 23.13
N ARG A 28 -1.86 -11.64 24.31
CA ARG A 28 -0.93 -10.53 24.58
C ARG A 28 0.38 -10.82 23.85
N VAL A 29 0.91 -9.82 23.17
CA VAL A 29 2.16 -9.95 22.40
C VAL A 29 3.07 -8.75 22.60
N ASN A 30 4.30 -8.84 22.09
CA ASN A 30 5.16 -7.66 21.95
C ASN A 30 5.39 -7.29 20.48
N VAL A 31 5.01 -6.06 20.14
CA VAL A 31 5.12 -5.57 18.78
C VAL A 31 5.76 -4.19 18.81
N PHE A 32 6.81 -4.00 18.04
CA PHE A 32 7.60 -2.76 18.06
C PHE A 32 8.10 -2.46 19.48
N HIS A 33 8.38 -3.53 20.24
CA HIS A 33 8.86 -3.42 21.63
C HIS A 33 7.87 -2.71 22.57
N LYS A 34 6.59 -2.95 22.33
CA LYS A 34 5.52 -2.50 23.23
C LYS A 34 4.49 -3.61 23.32
N THR A 35 3.76 -3.64 24.43
CA THR A 35 2.79 -4.70 24.66
C THR A 35 1.44 -4.34 24.05
N SER A 36 0.80 -5.32 23.41
CA SER A 36 -0.57 -5.16 22.94
C SER A 36 -1.28 -6.51 22.94
N VAL A 37 -2.57 -6.48 22.62
CA VAL A 37 -3.33 -7.71 22.47
C VAL A 37 -3.76 -7.89 21.01
N ILE A 38 -3.28 -8.97 20.37
CA ILE A 38 -3.72 -9.33 19.03
C ILE A 38 -5.08 -10.03 19.10
N VAL A 39 -6.04 -9.49 18.35
CA VAL A 39 -7.41 -9.96 18.44
C VAL A 39 -7.85 -10.50 17.09
N THR A 40 -8.17 -11.79 17.06
CA THR A 40 -8.35 -12.50 15.80
C THR A 40 -9.72 -13.19 15.58
N SER A 41 -10.76 -12.75 16.29
CA SER A 41 -12.11 -13.22 15.95
C SER A 41 -12.74 -12.22 14.99
N PRO A 42 -13.53 -12.71 14.04
CA PRO A 42 -14.24 -11.80 13.12
C PRO A 42 -15.12 -10.82 13.89
N GLU A 43 -15.83 -11.32 14.90
CA GLU A 43 -16.77 -10.51 15.69
C GLU A 43 -16.07 -9.38 16.43
N SER A 44 -14.85 -9.65 16.89
CA SER A 44 -14.06 -8.61 17.51
C SER A 44 -13.61 -7.58 16.48
N VAL A 45 -13.22 -8.04 15.29
CA VAL A 45 -12.79 -7.16 14.22
C VAL A 45 -13.91 -6.18 13.88
N LYS A 46 -15.08 -6.73 13.59
CA LYS A 46 -16.29 -5.95 13.36
C LYS A 46 -16.54 -4.92 14.44
N LYS A 47 -16.59 -5.37 15.69
CA LYS A 47 -16.91 -4.49 16.81
C LYS A 47 -16.00 -3.27 16.92
N PHE A 48 -14.69 -3.48 16.81
CA PHE A 48 -13.75 -2.40 17.08
C PHE A 48 -13.42 -1.56 15.85
N LEU A 49 -13.45 -2.20 14.68
CA LEU A 49 -13.17 -1.51 13.45
C LEU A 49 -14.35 -0.75 12.86
N MET A 50 -15.57 -1.25 13.08
CA MET A 50 -16.78 -0.68 12.45
C MET A 50 -17.47 0.39 13.29
N SER A 51 -16.78 0.88 14.31
CA SER A 51 -17.31 1.90 15.21
C SER A 51 -16.29 3.00 15.38
N THR A 52 -16.76 4.25 15.33
CA THR A 52 -15.89 5.43 15.48
C THR A 52 -15.50 5.66 16.94
N LYS A 53 -16.14 4.91 17.85
CA LYS A 53 -15.82 4.96 19.26
C LYS A 53 -14.37 4.53 19.52
N TYR A 54 -13.80 3.75 18.61
CA TYR A 54 -12.44 3.25 18.76
C TYR A 54 -11.52 3.92 17.77
N ASN A 55 -10.38 4.38 18.28
CA ASN A 55 -9.46 5.17 17.51
C ASN A 55 -8.08 4.58 17.58
N LYS A 56 -7.21 5.04 16.69
CA LYS A 56 -5.85 4.53 16.65
C LYS A 56 -5.11 4.84 17.94
N ASP A 57 -4.03 4.12 18.18
CA ASP A 57 -3.27 4.23 19.39
C ASP A 57 -2.10 5.12 19.09
N SER A 58 -2.06 6.31 19.68
CA SER A 58 -0.99 7.27 19.42
C SER A 58 0.34 6.57 19.61
N LYS A 59 0.45 5.81 20.70
CA LYS A 59 1.70 5.14 21.07
C LYS A 59 2.29 4.25 19.99
N MET A 60 1.45 3.49 19.30
CA MET A 60 1.90 2.59 18.22
C MET A 60 2.28 3.32 16.94
N TYR A 61 1.67 4.47 16.71
CA TYR A 61 1.89 5.22 15.48
C TYR A 61 2.89 6.34 15.71
N ARG A 62 3.25 6.55 16.98
CA ARG A 62 4.25 7.56 17.37
C ARG A 62 5.59 7.35 16.67
N ALA A 63 5.85 6.12 16.24
CA ALA A 63 7.09 5.79 15.55
C ALA A 63 7.08 6.29 14.12
N LEU A 64 5.89 6.34 13.53
CA LEU A 64 5.72 6.76 12.14
C LEU A 64 5.69 8.30 12.06
N GLN A 65 5.18 8.93 13.11
CA GLN A 65 5.12 10.38 13.21
C GLN A 65 6.51 11.06 13.14
N THR A 66 7.46 10.49 13.86
CA THR A 66 8.84 11.00 13.90
C THR A 66 9.77 9.82 13.80
N VAL A 67 10.90 10.00 13.11
CA VAL A 67 11.87 8.94 12.98
C VAL A 67 13.24 9.51 13.28
N PHE A 68 13.92 8.91 14.27
CA PHE A 68 15.28 9.32 14.67
C PHE A 68 15.44 10.82 14.87
N GLY A 69 14.40 11.43 15.43
CA GLY A 69 14.41 12.88 15.68
C GLY A 69 14.31 13.70 14.41
N GLU A 70 13.66 13.16 13.39
CA GLU A 70 13.31 13.89 12.17
C GLU A 70 11.87 13.56 11.81
N ARG A 71 10.99 14.55 11.81
CA ARG A 71 9.56 14.29 11.65
C ARG A 71 9.23 13.81 10.23
N LEU A 72 8.58 12.65 10.14
CA LEU A 72 8.25 12.02 8.86
C LEU A 72 6.80 12.28 8.43
N PHE A 73 5.87 11.49 8.94
CA PHE A 73 4.46 11.66 8.60
C PHE A 73 3.75 12.61 9.56
N GLY A 74 4.42 12.97 10.64
CA GLY A 74 3.90 13.91 11.62
C GLY A 74 2.48 13.62 12.06
N GLN A 75 1.57 14.53 11.73
CA GLN A 75 0.17 14.35 12.05
C GLN A 75 -0.66 14.29 10.77
N GLY A 76 -0.10 13.63 9.76
CA GLY A 76 -0.79 13.42 8.50
C GLY A 76 -1.94 12.45 8.62
N LEU A 77 -2.58 12.15 7.48
CA LEU A 77 -3.82 11.37 7.47
C LEU A 77 -3.70 9.93 8.00
N VAL A 78 -2.52 9.33 7.88
CA VAL A 78 -2.28 8.00 8.42
C VAL A 78 -2.05 8.05 9.94
N SER A 79 -1.11 8.89 10.36
CA SER A 79 -0.57 8.88 11.71
C SER A 79 -1.36 9.67 12.77
N GLU A 80 -2.29 10.51 12.33
CA GLU A 80 -3.15 11.25 13.26
C GLU A 80 -4.17 10.32 13.91
N CYS A 81 -4.15 10.26 15.23
CA CYS A 81 -5.01 9.32 15.97
C CYS A 81 -6.24 9.91 16.66
N ASN A 82 -6.16 11.18 17.05
CA ASN A 82 -7.34 11.89 17.59
C ASN A 82 -8.42 11.92 16.53
N TYR A 83 -9.64 11.59 16.93
CA TYR A 83 -10.73 11.43 15.98
C TYR A 83 -11.04 12.75 15.28
N GLU A 84 -11.45 13.75 16.05
CA GLU A 84 -11.90 15.02 15.47
C GLU A 84 -10.86 15.72 14.58
N ARG A 85 -9.60 15.70 14.99
CA ARG A 85 -8.51 16.24 14.15
C ARG A 85 -8.36 15.48 12.84
N TRP A 86 -8.48 14.15 12.92
CA TRP A 86 -8.39 13.32 11.73
C TRP A 86 -9.59 13.56 10.79
N HIS A 87 -10.77 13.67 11.36
CA HIS A 87 -12.03 13.85 10.58
C HIS A 87 -12.01 15.16 9.83
N LYS A 88 -11.39 16.17 10.42
CA LYS A 88 -11.31 17.49 9.81
C LYS A 88 -10.55 17.46 8.47
N GLN A 89 -9.38 16.82 8.44
CA GLN A 89 -8.60 16.66 7.20
C GLN A 89 -9.31 15.73 6.25
N ARG A 90 -9.79 14.61 6.78
CA ARG A 90 -10.41 13.55 5.97
C ARG A 90 -11.67 14.04 5.26
N ARG A 91 -12.39 14.94 5.91
CA ARG A 91 -13.56 15.59 5.33
C ARG A 91 -13.22 16.25 3.98
N VAL A 92 -12.14 17.02 3.96
CA VAL A 92 -11.75 17.75 2.74
C VAL A 92 -10.88 16.93 1.77
N ILE A 93 -9.94 16.15 2.31
CA ILE A 93 -9.07 15.31 1.47
C ILE A 93 -9.91 14.27 0.71
N ASP A 94 -11.05 13.89 1.28
CA ASP A 94 -12.00 12.98 0.63
C ASP A 94 -12.51 13.42 -0.75
N LEU A 95 -12.44 14.71 -1.03
CA LEU A 95 -13.00 15.26 -2.27
C LEU A 95 -12.15 14.87 -3.47
N ALA A 96 -10.84 14.81 -3.25
CA ALA A 96 -9.88 14.34 -4.26
C ALA A 96 -9.99 12.85 -4.59
N PHE A 97 -10.89 12.14 -3.94
CA PHE A 97 -11.07 10.73 -4.19
C PHE A 97 -12.48 10.39 -4.63
N SER A 98 -13.18 11.39 -5.16
CA SER A 98 -14.55 11.19 -5.63
C SER A 98 -14.48 10.41 -6.92
N ARG A 99 -15.63 9.91 -7.36
CA ARG A 99 -15.72 9.17 -8.62
C ARG A 99 -15.20 9.97 -9.82
N SER A 100 -15.55 11.24 -9.91
CA SER A 100 -15.09 12.07 -11.03
C SER A 100 -13.61 12.39 -10.90
N SER A 101 -13.15 12.65 -9.67
CA SER A 101 -11.71 12.79 -9.41
C SER A 101 -10.96 11.57 -9.94
N LEU A 102 -11.45 10.38 -9.62
CA LEU A 102 -10.72 9.14 -9.92
C LEU A 102 -10.65 8.90 -11.42
N VAL A 103 -11.82 8.82 -12.05
CA VAL A 103 -11.95 8.69 -13.50
C VAL A 103 -10.97 9.54 -14.29
N SER A 104 -10.69 10.75 -13.80
CA SER A 104 -9.82 11.66 -14.52
C SER A 104 -8.33 11.26 -14.43
N LEU A 105 -8.03 10.27 -13.59
CA LEU A 105 -6.66 9.79 -13.39
C LEU A 105 -6.31 8.64 -14.33
N MET A 106 -7.33 8.04 -14.96
CA MET A 106 -7.13 6.95 -15.93
C MET A 106 -6.04 7.27 -16.94
N GLU A 107 -5.88 8.56 -17.25
CA GLU A 107 -4.81 9.03 -18.12
C GLU A 107 -3.41 8.77 -17.56
N THR A 108 -3.19 9.19 -16.31
CA THR A 108 -1.90 8.98 -15.63
C THR A 108 -1.60 7.49 -15.51
N PHE A 109 -2.59 6.72 -15.06
CA PHE A 109 -2.44 5.28 -14.93
C PHE A 109 -2.05 4.62 -16.25
N ASN A 110 -2.74 5.02 -17.32
CA ASN A 110 -2.52 4.45 -18.63
C ASN A 110 -1.15 4.79 -19.18
N GLU A 111 -0.78 6.06 -19.09
CA GLU A 111 0.51 6.52 -19.64
C GLU A 111 1.64 5.79 -18.95
N LYS A 112 1.59 5.77 -17.62
CA LYS A 112 2.64 5.12 -16.84
C LYS A 112 2.65 3.63 -17.13
N ALA A 113 1.47 3.00 -17.17
CA ALA A 113 1.39 1.57 -17.45
C ALA A 113 2.03 1.26 -18.82
N GLU A 114 1.66 2.03 -19.84
CA GLU A 114 2.21 1.88 -21.20
C GLU A 114 3.72 2.03 -21.24
N GLN A 115 4.22 3.03 -20.53
CA GLN A 115 5.63 3.31 -20.47
C GLN A 115 6.36 2.14 -19.83
N LEU A 116 5.82 1.67 -18.70
CA LEU A 116 6.37 0.47 -18.06
C LEU A 116 6.51 -0.71 -19.02
N VAL A 117 5.42 -1.07 -19.69
CA VAL A 117 5.37 -2.23 -20.60
C VAL A 117 6.39 -2.09 -21.74
N GLU A 118 6.46 -0.88 -22.31
CA GLU A 118 7.43 -0.56 -23.34
C GLU A 118 8.89 -0.76 -22.90
N ILE A 119 9.28 -0.19 -21.75
CA ILE A 119 10.63 -0.42 -21.16
C ILE A 119 10.96 -1.89 -21.07
N LEU A 120 10.02 -2.67 -20.54
CA LEU A 120 10.23 -4.09 -20.35
C LEU A 120 10.26 -4.85 -21.66
N GLU A 121 9.45 -4.42 -22.62
CA GLU A 121 9.49 -4.98 -23.98
C GLU A 121 10.87 -4.82 -24.64
N ALA A 122 11.54 -3.72 -24.33
CA ALA A 122 12.90 -3.49 -24.83
C ALA A 122 13.94 -4.44 -24.23
N LYS A 123 13.59 -5.05 -23.10
CA LYS A 123 14.46 -5.99 -22.39
C LYS A 123 14.02 -7.44 -22.53
N ALA A 124 12.99 -7.66 -23.34
CA ALA A 124 12.34 -8.98 -23.43
C ALA A 124 13.09 -9.99 -24.32
N ASP A 125 14.40 -10.09 -24.11
CA ASP A 125 15.22 -11.06 -24.84
C ASP A 125 15.12 -12.43 -24.21
N GLY A 126 14.71 -12.47 -22.94
CA GLY A 126 14.54 -13.75 -22.23
C GLY A 126 15.83 -14.11 -21.54
N GLN A 127 16.76 -13.16 -21.54
CA GLN A 127 18.07 -13.34 -20.93
C GLN A 127 18.39 -12.26 -19.92
N THR A 128 17.85 -11.06 -20.13
CA THR A 128 18.13 -9.90 -19.27
C THR A 128 17.30 -9.91 -17.99
N PRO A 129 17.96 -10.08 -16.83
CA PRO A 129 17.26 -10.11 -15.54
C PRO A 129 16.76 -8.72 -15.13
N VAL A 130 15.48 -8.63 -14.78
CA VAL A 130 14.89 -7.35 -14.38
C VAL A 130 14.24 -7.49 -13.00
N SER A 131 14.58 -6.59 -12.08
CA SER A 131 13.96 -6.58 -10.78
C SER A 131 12.56 -5.97 -10.91
N MET A 132 11.54 -6.83 -10.95
CA MET A 132 10.18 -6.37 -11.13
C MET A 132 9.73 -5.54 -9.94
N GLN A 133 10.27 -5.83 -8.77
CA GLN A 133 10.06 -5.00 -7.59
C GLN A 133 10.50 -3.55 -7.80
N ASP A 134 11.65 -3.36 -8.42
CA ASP A 134 12.18 -2.03 -8.70
C ASP A 134 11.30 -1.38 -9.78
N MET A 135 11.07 -2.10 -10.86
CA MET A 135 10.24 -1.59 -11.95
C MET A 135 8.86 -1.12 -11.48
N LEU A 136 8.28 -1.83 -10.52
CA LEU A 136 6.93 -1.57 -10.06
C LEU A 136 6.90 -0.44 -9.04
N THR A 137 8.01 -0.29 -8.32
CA THR A 137 8.17 0.85 -7.44
C THR A 137 8.25 2.14 -8.25
N TYR A 138 9.08 2.15 -9.30
CA TYR A 138 9.21 3.32 -10.18
C TYR A 138 7.86 3.69 -10.84
N THR A 139 7.16 2.68 -11.34
CA THR A 139 5.85 2.86 -11.95
C THR A 139 4.87 3.50 -10.95
N ALA A 140 4.78 2.92 -9.76
CA ALA A 140 3.88 3.44 -8.72
C ALA A 140 4.22 4.85 -8.28
N MET A 141 5.51 5.14 -8.09
CA MET A 141 5.92 6.49 -7.70
C MET A 141 5.64 7.50 -8.82
N ASP A 142 6.01 7.15 -10.04
CA ASP A 142 5.66 7.98 -11.22
C ASP A 142 4.17 8.29 -11.30
N ILE A 143 3.34 7.28 -11.06
CA ILE A 143 1.90 7.45 -11.05
C ILE A 143 1.51 8.42 -9.92
N LEU A 144 1.89 8.07 -8.69
CA LEU A 144 1.58 8.90 -7.56
C LEU A 144 2.04 10.33 -7.79
N ALA A 145 3.33 10.53 -8.05
CA ALA A 145 3.87 11.91 -8.18
C ALA A 145 3.00 12.79 -9.08
N LYS A 146 2.62 12.24 -10.23
CA LYS A 146 1.83 12.96 -11.22
C LYS A 146 0.36 13.13 -10.82
N ALA A 147 -0.33 12.01 -10.57
CA ALA A 147 -1.74 12.05 -10.14
C ALA A 147 -1.99 12.94 -8.93
N ALA A 148 -1.17 12.78 -7.89
CA ALA A 148 -1.34 13.55 -6.64
C ALA A 148 -0.80 14.99 -6.66
N PHE A 149 0.40 15.16 -7.21
CA PHE A 149 1.11 16.42 -7.10
C PHE A 149 1.33 17.15 -8.43
N GLY A 150 0.88 16.52 -9.52
CA GLY A 150 0.99 17.12 -10.86
C GLY A 150 2.40 17.23 -11.38
N MET A 151 3.31 16.45 -10.79
CA MET A 151 4.74 16.49 -11.12
C MET A 151 5.21 15.19 -11.74
N GLU A 152 6.25 15.26 -12.57
CA GLU A 152 6.80 14.10 -13.24
C GLU A 152 8.16 13.71 -12.65
N THR A 153 8.25 12.49 -12.13
CA THR A 153 9.50 11.99 -11.58
C THR A 153 10.38 11.26 -12.59
N SER A 154 9.75 10.51 -13.49
CA SER A 154 10.47 9.81 -14.58
C SER A 154 11.50 8.79 -14.10
N MET A 155 11.25 8.22 -12.92
CA MET A 155 12.08 7.15 -12.40
C MET A 155 12.14 6.00 -13.39
N LEU A 156 11.02 5.74 -14.08
CA LEU A 156 10.98 4.71 -15.11
C LEU A 156 12.03 4.90 -16.22
N LEU A 157 12.46 6.14 -16.43
CA LEU A 157 13.50 6.43 -17.44
C LEU A 157 14.78 7.01 -16.80
N GLY A 158 15.07 6.58 -15.57
CA GLY A 158 16.35 6.88 -14.95
C GLY A 158 16.46 8.16 -14.16
N ALA A 159 15.41 8.97 -14.16
CA ALA A 159 15.44 10.27 -13.49
C ALA A 159 15.20 10.21 -11.98
N GLN A 160 15.41 11.34 -11.31
CA GLN A 160 15.22 11.45 -9.86
C GLN A 160 15.75 10.26 -9.06
N LYS A 161 16.92 9.74 -9.46
CA LYS A 161 17.59 8.65 -8.73
C LYS A 161 18.04 8.98 -7.29
N PRO A 162 18.21 10.27 -6.96
CA PRO A 162 18.40 10.70 -5.57
C PRO A 162 17.13 10.54 -4.72
N LEU A 163 16.01 11.05 -5.21
CA LEU A 163 14.72 10.91 -4.54
C LEU A 163 14.35 9.43 -4.30
N SER A 164 14.61 8.62 -5.32
CA SER A 164 14.39 7.19 -5.25
C SER A 164 15.25 6.60 -4.13
N GLN A 165 16.45 7.15 -3.96
CA GLN A 165 17.35 6.71 -2.90
C GLN A 165 16.95 7.21 -1.50
N ALA A 166 16.43 8.43 -1.43
CA ALA A 166 15.91 8.94 -0.16
C ALA A 166 14.83 7.99 0.37
N VAL A 167 13.83 7.73 -0.46
CA VAL A 167 12.72 6.82 -0.12
C VAL A 167 13.24 5.48 0.37
N LYS A 168 14.15 4.87 -0.38
CA LYS A 168 14.73 3.59 0.00
C LYS A 168 15.34 3.62 1.42
N LEU A 169 16.18 4.63 1.70
CA LEU A 169 16.87 4.70 2.98
C LEU A 169 15.90 4.97 4.10
N MET A 170 14.96 5.88 3.86
CA MET A 170 13.98 6.25 4.86
C MET A 170 13.12 5.05 5.27
N LEU A 171 12.85 4.17 4.32
CA LEU A 171 12.09 2.96 4.60
C LEU A 171 12.84 1.97 5.50
N GLU A 172 14.13 1.78 5.24
CA GLU A 172 14.99 1.02 6.17
C GLU A 172 14.98 1.72 7.53
N GLY A 173 14.97 3.05 7.49
CA GLY A 173 14.90 3.85 8.71
C GLY A 173 13.77 3.41 9.62
N ILE A 174 12.56 3.36 9.07
CA ILE A 174 11.39 2.91 9.83
C ILE A 174 11.56 1.48 10.33
N THR A 175 12.21 0.63 9.53
CA THR A 175 12.53 -0.75 9.94
C THR A 175 13.39 -0.80 11.21
N ALA A 176 14.36 0.11 11.32
CA ALA A 176 15.27 0.16 12.48
C ALA A 176 14.69 0.99 13.63
N SER A 177 13.92 2.02 13.28
CA SER A 177 13.29 2.88 14.27
C SER A 177 12.40 2.08 15.23
N ARG A 178 11.54 1.23 14.68
CA ARG A 178 10.59 0.46 15.50
C ARG A 178 11.01 -0.99 15.74
N ASN A 179 12.26 -1.30 15.41
CA ASN A 179 12.83 -2.62 15.68
C ASN A 179 14.32 -2.47 16.00
N THR A 180 15.12 -3.47 15.62
CA THR A 180 16.59 -3.42 15.74
C THR A 180 17.12 -3.05 17.15
N LEU A 181 16.21 -3.08 18.13
CA LEU A 181 16.57 -2.99 19.55
C LEU A 181 17.73 -2.05 19.91
N LYS A 188 25.63 0.92 10.89
CA LYS A 188 26.73 1.63 11.53
C LYS A 188 26.40 3.10 11.85
N ARG A 189 27.43 3.87 12.18
CA ARG A 189 27.26 5.27 12.61
C ARG A 189 26.74 6.19 11.49
N LYS A 190 27.16 5.90 10.26
CA LYS A 190 26.77 6.72 9.10
C LYS A 190 25.32 6.48 8.70
N GLN A 191 24.91 5.21 8.69
CA GLN A 191 23.58 4.81 8.21
C GLN A 191 22.40 5.49 8.91
N LEU A 192 22.63 5.94 10.14
CA LEU A 192 21.60 6.66 10.89
C LEU A 192 21.47 8.13 10.47
N ARG A 193 22.54 8.71 9.93
CA ARG A 193 22.51 10.09 9.49
C ARG A 193 21.95 10.21 8.08
N GLU A 194 22.17 9.16 7.27
CA GLU A 194 21.65 9.11 5.91
C GLU A 194 20.12 9.03 5.91
N VAL A 195 19.58 8.35 6.91
CA VAL A 195 18.13 8.27 7.12
C VAL A 195 17.58 9.65 7.45
N ARG A 196 18.28 10.38 8.32
CA ARG A 196 17.90 11.74 8.66
C ARG A 196 18.05 12.66 7.43
N GLU A 197 19.10 12.43 6.64
CA GLU A 197 19.31 13.15 5.37
C GLU A 197 18.10 12.90 4.49
N SER A 198 17.79 11.62 4.26
CA SER A 198 16.66 11.21 3.45
C SER A 198 15.33 11.86 3.85
N ILE A 199 15.01 11.83 5.14
CA ILE A 199 13.76 12.40 5.64
C ILE A 199 13.65 13.90 5.34
N ARG A 200 14.75 14.62 5.51
CA ARG A 200 14.77 16.06 5.22
C ARG A 200 14.78 16.32 3.72
N PHE A 201 15.41 15.43 2.96
CA PHE A 201 15.36 15.46 1.50
C PHE A 201 13.89 15.43 1.03
N LEU A 202 13.12 14.44 1.50
CA LEU A 202 11.71 14.29 1.14
C LEU A 202 10.87 15.50 1.53
N ARG A 203 11.22 16.12 2.66
CA ARG A 203 10.50 17.30 3.11
C ARG A 203 10.80 18.51 2.23
N GLN A 204 12.01 18.54 1.68
CA GLN A 204 12.44 19.65 0.83
C GLN A 204 11.86 19.53 -0.58
N VAL A 205 11.88 18.32 -1.13
CA VAL A 205 11.15 18.02 -2.36
C VAL A 205 9.67 18.42 -2.19
N GLY A 206 9.13 18.17 -1.01
CA GLY A 206 7.78 18.60 -0.68
C GLY A 206 7.64 20.11 -0.77
N ARG A 207 8.58 20.84 -0.18
CA ARG A 207 8.56 22.31 -0.19
C ARG A 207 8.55 22.84 -1.62
N ASP A 208 9.43 22.29 -2.45
CA ASP A 208 9.59 22.72 -3.82
C ASP A 208 8.34 22.48 -4.67
N TRP A 209 7.73 21.30 -4.53
CA TRP A 209 6.51 20.97 -5.26
C TRP A 209 5.33 21.77 -4.73
N VAL A 210 5.39 22.16 -3.47
CA VAL A 210 4.37 23.02 -2.88
C VAL A 210 4.58 24.45 -3.41
N GLN A 211 5.85 24.87 -3.46
CA GLN A 211 6.20 26.19 -3.97
C GLN A 211 5.91 26.29 -5.47
N ARG A 212 6.41 25.33 -6.24
CA ARG A 212 6.12 25.27 -7.68
C ARG A 212 4.61 25.22 -7.96
N ARG A 213 3.84 24.83 -6.96
CA ARG A 213 2.38 24.86 -7.06
C ARG A 213 1.83 26.25 -6.77
N ARG A 214 2.33 26.87 -5.70
CA ARG A 214 1.90 28.22 -5.32
C ARG A 214 2.27 29.27 -6.38
N GLU A 215 3.44 29.11 -6.98
CA GLU A 215 3.92 30.02 -8.02
C GLU A 215 3.06 29.98 -9.27
N ALA A 216 2.64 28.78 -9.66
CA ALA A 216 1.76 28.59 -10.81
C ALA A 216 0.35 29.15 -10.58
N LEU A 217 -0.13 29.06 -9.34
CA LEU A 217 -1.42 29.68 -8.98
C LEU A 217 -1.27 31.18 -8.72
N LYS A 218 -0.05 31.63 -8.44
CA LYS A 218 0.25 33.07 -8.33
C LYS A 218 0.33 33.72 -9.71
N ARG A 219 0.63 32.92 -10.72
CA ARG A 219 0.52 33.33 -12.12
C ARG A 219 -0.93 33.13 -12.59
N GLY A 220 -1.84 32.97 -11.63
CA GLY A 220 -3.26 32.72 -11.92
C GLY A 220 -3.56 31.57 -12.87
N GLU A 221 -2.65 30.61 -12.95
CA GLU A 221 -2.78 29.49 -13.89
C GLU A 221 -3.81 28.43 -13.48
N GLU A 222 -4.44 27.81 -14.46
CA GLU A 222 -5.51 26.82 -14.23
C GLU A 222 -4.92 25.46 -13.82
N VAL A 223 -5.28 25.00 -12.63
CA VAL A 223 -4.82 23.70 -12.15
C VAL A 223 -5.95 22.79 -11.64
N PRO A 224 -6.15 21.65 -12.32
CA PRO A 224 -7.22 20.71 -11.98
C PRO A 224 -7.18 20.16 -10.55
N ALA A 225 -8.32 19.66 -10.09
CA ALA A 225 -8.47 19.13 -8.74
C ALA A 225 -7.41 18.07 -8.42
N ASP A 226 -6.94 18.07 -7.19
CA ASP A 226 -5.80 17.26 -6.79
C ASP A 226 -5.90 16.72 -5.37
N ILE A 227 -4.95 15.87 -5.00
CA ILE A 227 -4.70 15.53 -3.61
C ILE A 227 -3.93 16.71 -3.00
N LEU A 228 -3.08 17.33 -3.81
CA LEU A 228 -2.32 18.50 -3.39
C LEU A 228 -3.23 19.69 -3.05
N THR A 229 -4.19 19.97 -3.93
CA THR A 229 -5.14 21.05 -3.72
C THR A 229 -5.89 20.81 -2.42
N GLN A 230 -6.28 19.56 -2.19
CA GLN A 230 -7.02 19.20 -0.99
C GLN A 230 -6.22 19.25 0.31
N ILE A 231 -4.95 18.87 0.26
CA ILE A 231 -4.11 18.94 1.45
C ILE A 231 -3.84 20.39 1.86
N LEU A 232 -3.47 21.22 0.87
CA LEU A 232 -3.39 22.68 1.04
C LEU A 232 -4.64 23.27 1.67
N LYS A 233 -5.80 22.93 1.10
CA LYS A 233 -7.10 23.43 1.58
C LYS A 233 -7.35 23.08 3.04
N ALA A 234 -6.89 21.90 3.45
CA ALA A 234 -7.01 21.46 4.85
C ALA A 234 -6.06 22.23 5.77
N GLU A 235 -5.00 22.80 5.21
CA GLU A 235 -3.99 23.51 6.00
C GLU A 235 -4.12 25.04 5.98
N GLU A 236 -5.33 25.53 5.74
CA GLU A 236 -5.58 26.97 5.64
C GLU A 236 -5.68 27.65 7.01
N GLY A 237 -4.98 28.78 7.16
CA GLY A 237 -4.93 29.48 8.43
C GLY A 237 -3.97 28.83 9.41
N ALA A 238 -3.06 28.02 8.88
CA ALA A 238 -2.02 27.39 9.70
C ALA A 238 -0.76 28.28 9.69
N GLN A 239 -0.26 28.58 10.88
CA GLN A 239 0.93 29.42 11.03
C GLN A 239 2.15 28.80 10.38
N ASP A 240 2.30 27.49 10.54
CA ASP A 240 3.41 26.74 9.95
C ASP A 240 2.99 26.07 8.63
N ASP A 241 3.99 25.52 7.94
CA ASP A 241 3.77 24.72 6.75
C ASP A 241 3.92 23.25 7.11
N GLU A 242 4.30 22.99 8.35
CA GLU A 242 4.59 21.63 8.81
C GLU A 242 3.46 20.62 8.65
N GLY A 243 2.22 21.07 8.87
CA GLY A 243 1.05 20.20 8.72
C GLY A 243 0.79 19.89 7.26
N LEU A 244 1.41 20.69 6.39
CA LEU A 244 1.26 20.51 4.96
C LEU A 244 2.33 19.56 4.45
N LEU A 245 3.54 19.67 5.00
CA LEU A 245 4.64 18.79 4.62
C LEU A 245 4.44 17.37 5.19
N ASP A 246 3.77 17.30 6.34
CA ASP A 246 3.38 16.02 6.93
C ASP A 246 2.58 15.23 5.91
N ASN A 247 1.48 15.83 5.47
CA ASN A 247 0.61 15.20 4.50
C ASN A 247 1.22 14.99 3.10
N PHE A 248 2.17 15.83 2.72
CA PHE A 248 2.91 15.60 1.47
C PHE A 248 3.67 14.26 1.55
N VAL A 249 4.41 14.07 2.64
CA VAL A 249 5.26 12.87 2.81
C VAL A 249 4.40 11.61 3.00
N THR A 250 3.31 11.76 3.75
CA THR A 250 2.34 10.68 3.96
C THR A 250 1.79 10.11 2.65
N PHE A 251 1.33 10.98 1.78
CA PHE A 251 0.77 10.58 0.49
C PHE A 251 1.84 10.17 -0.48
N PHE A 252 2.96 10.87 -0.47
CA PHE A 252 4.05 10.54 -1.36
C PHE A 252 4.40 9.06 -1.22
N ILE A 253 4.38 8.59 0.04
CA ILE A 253 4.85 7.24 0.36
C ILE A 253 3.70 6.21 0.41
N ALA A 254 2.66 6.51 1.17
CA ALA A 254 1.47 5.67 1.29
C ALA A 254 0.83 5.43 -0.06
N GLY A 255 0.95 6.42 -0.95
CA GLY A 255 0.32 6.39 -2.26
C GLY A 255 1.12 5.67 -3.33
N HIS A 256 2.29 5.14 -2.96
CA HIS A 256 3.08 4.32 -3.89
C HIS A 256 3.63 2.99 -3.36
N GLU A 257 4.06 2.97 -2.10
CA GLU A 257 4.74 1.78 -1.54
C GLU A 257 3.85 0.54 -1.47
N THR A 258 2.74 0.62 -0.74
CA THR A 258 1.78 -0.49 -0.67
C THR A 258 1.30 -0.98 -2.05
N SER A 259 1.06 -0.05 -2.98
CA SER A 259 0.71 -0.43 -4.35
C SER A 259 1.87 -1.16 -5.03
N ALA A 260 3.08 -0.64 -4.85
CA ALA A 260 4.27 -1.25 -5.44
C ALA A 260 4.45 -2.67 -4.92
N ASN A 261 4.39 -2.85 -3.61
CA ASN A 261 4.53 -4.17 -2.99
C ASN A 261 3.41 -5.11 -3.44
N HIS A 262 2.16 -4.65 -3.36
CA HIS A 262 1.02 -5.43 -3.87
C HIS A 262 1.27 -5.93 -5.31
N LEU A 263 1.72 -5.04 -6.19
CA LEU A 263 2.09 -5.45 -7.54
C LEU A 263 3.22 -6.53 -7.57
N ALA A 264 4.29 -6.29 -6.83
CA ALA A 264 5.42 -7.19 -6.76
C ALA A 264 5.02 -8.58 -6.27
N PHE A 265 4.21 -8.61 -5.22
CA PHE A 265 3.68 -9.88 -4.71
C PHE A 265 2.90 -10.64 -5.77
N THR A 266 2.07 -9.92 -6.52
CA THR A 266 1.20 -10.52 -7.52
C THR A 266 1.99 -11.11 -8.66
N VAL A 267 3.00 -10.38 -9.16
CA VAL A 267 3.83 -10.93 -10.25
C VAL A 267 4.72 -12.07 -9.76
N MET A 268 5.25 -11.94 -8.56
CA MET A 268 5.98 -13.01 -7.93
C MET A 268 5.11 -14.29 -7.94
N GLU A 269 3.94 -14.22 -7.31
CA GLU A 269 3.07 -15.39 -7.21
C GLU A 269 2.76 -15.96 -8.59
N LEU A 270 2.36 -15.10 -9.52
CA LEU A 270 2.00 -15.54 -10.86
C LEU A 270 3.06 -16.34 -11.65
N SER A 271 4.33 -16.06 -11.40
CA SER A 271 5.40 -16.74 -12.12
C SER A 271 5.38 -18.26 -11.91
N ARG A 272 4.73 -18.70 -10.84
CA ARG A 272 4.51 -20.13 -10.58
C ARG A 272 3.04 -20.53 -10.64
N GLN A 273 2.25 -19.77 -11.39
CA GLN A 273 0.83 -20.09 -11.58
C GLN A 273 0.42 -20.11 -13.06
N PRO A 274 0.98 -21.02 -13.86
CA PRO A 274 0.74 -21.01 -15.31
C PRO A 274 -0.74 -21.05 -15.69
N GLU A 275 -1.50 -21.92 -15.02
CA GLU A 275 -2.95 -22.03 -15.27
C GLU A 275 -3.66 -20.70 -15.00
N ILE A 276 -3.30 -20.05 -13.90
CA ILE A 276 -3.92 -18.77 -13.54
C ILE A 276 -3.59 -17.72 -14.59
N VAL A 277 -2.32 -17.68 -14.98
CA VAL A 277 -1.86 -16.74 -16.00
C VAL A 277 -2.64 -16.90 -17.30
N ALA A 278 -2.84 -18.15 -17.70
CA ALA A 278 -3.56 -18.46 -18.95
C ALA A 278 -4.94 -17.89 -18.91
N ARG A 279 -5.65 -18.14 -17.82
CA ARG A 279 -6.99 -17.61 -17.63
C ARG A 279 -6.96 -16.08 -17.66
N LEU A 280 -5.97 -15.51 -16.98
CA LEU A 280 -5.77 -14.06 -16.98
C LEU A 280 -5.57 -13.51 -18.40
N GLN A 281 -4.66 -14.13 -19.16
CA GLN A 281 -4.45 -13.74 -20.57
C GLN A 281 -5.75 -13.87 -21.34
N ALA A 282 -6.36 -15.04 -21.19
CA ALA A 282 -7.63 -15.33 -21.82
C ALA A 282 -8.65 -14.25 -21.53
N GLU A 283 -8.75 -13.81 -20.28
CA GLU A 283 -9.68 -12.74 -19.90
C GLU A 283 -9.36 -11.39 -20.52
N VAL A 284 -8.09 -10.99 -20.44
CA VAL A 284 -7.71 -9.66 -20.91
C VAL A 284 -7.86 -9.49 -22.43
N ASP A 285 -7.63 -10.57 -23.18
CA ASP A 285 -7.85 -10.56 -24.63
C ASP A 285 -9.30 -10.19 -24.98
N GLU A 286 -10.26 -10.75 -24.24
CA GLU A 286 -11.69 -10.50 -24.49
C GLU A 286 -12.16 -9.09 -24.17
N VAL A 287 -11.64 -8.50 -23.09
CA VAL A 287 -12.17 -7.23 -22.58
C VAL A 287 -11.53 -6.00 -23.22
N ILE A 288 -10.23 -6.10 -23.51
CA ILE A 288 -9.52 -4.98 -24.11
C ILE A 288 -8.96 -5.34 -25.50
N GLY A 289 -8.72 -6.62 -25.72
CA GLY A 289 -8.09 -7.08 -26.95
C GLY A 289 -6.64 -6.66 -27.02
N SER A 290 -6.33 -5.77 -27.96
CA SER A 290 -4.98 -5.26 -28.13
C SER A 290 -4.95 -3.74 -28.00
N LYS A 291 -6.09 -3.17 -27.65
CA LYS A 291 -6.20 -1.72 -27.47
C LYS A 291 -5.17 -1.20 -26.47
N ARG A 292 -4.52 -0.10 -26.82
CA ARG A 292 -3.42 0.45 -26.04
C ARG A 292 -3.85 0.95 -24.67
N TYR A 293 -4.93 1.73 -24.63
CA TYR A 293 -5.37 2.35 -23.39
C TYR A 293 -6.72 1.78 -22.91
N LEU A 294 -6.84 1.60 -21.60
CA LEU A 294 -8.06 1.08 -20.99
C LEU A 294 -8.96 2.23 -20.55
N ASP A 295 -10.26 2.10 -20.81
CA ASP A 295 -11.24 3.08 -20.35
C ASP A 295 -11.66 2.72 -18.94
N PHE A 296 -12.12 3.71 -18.18
CA PHE A 296 -12.61 3.47 -16.83
C PHE A 296 -13.54 2.24 -16.77
N GLU A 297 -14.55 2.20 -17.65
CA GLU A 297 -15.54 1.10 -17.63
C GLU A 297 -14.96 -0.28 -17.95
N ASP A 298 -13.74 -0.33 -18.48
CA ASP A 298 -13.08 -1.60 -18.78
C ASP A 298 -12.65 -2.36 -17.52
N LEU A 299 -12.22 -1.64 -16.49
CA LEU A 299 -11.68 -2.25 -15.28
C LEU A 299 -12.74 -3.10 -14.59
N GLY A 300 -13.96 -2.59 -14.56
CA GLY A 300 -15.06 -3.31 -13.95
C GLY A 300 -15.21 -4.72 -14.48
N ARG A 301 -14.87 -4.93 -15.75
CA ARG A 301 -15.06 -6.23 -16.41
C ARG A 301 -13.85 -7.18 -16.29
N LEU A 302 -12.76 -6.69 -15.72
CA LEU A 302 -11.58 -7.53 -15.47
C LEU A 302 -11.78 -8.34 -14.16
N GLN A 303 -12.81 -9.19 -14.18
CA GLN A 303 -13.36 -9.78 -12.96
C GLN A 303 -12.47 -10.86 -12.38
N TYR A 304 -11.86 -11.66 -13.25
CA TYR A 304 -10.94 -12.69 -12.81
C TYR A 304 -9.63 -12.09 -12.29
N LEU A 305 -9.18 -11.02 -12.95
CA LEU A 305 -7.99 -10.32 -12.51
C LEU A 305 -8.25 -9.73 -11.12
N SER A 306 -9.43 -9.15 -10.96
CA SER A 306 -9.91 -8.68 -9.67
C SER A 306 -9.76 -9.75 -8.58
N GLN A 307 -10.11 -10.99 -8.93
CA GLN A 307 -10.06 -12.09 -8.00
C GLN A 307 -8.64 -12.46 -7.60
N VAL A 308 -7.74 -12.41 -8.58
CA VAL A 308 -6.34 -12.73 -8.39
C VAL A 308 -5.69 -11.73 -7.43
N LEU A 309 -6.04 -10.46 -7.61
CA LEU A 309 -5.53 -9.39 -6.79
C LEU A 309 -6.02 -9.48 -5.34
N LYS A 310 -7.30 -9.78 -5.20
CA LYS A 310 -7.90 -9.99 -3.90
C LYS A 310 -7.24 -11.15 -3.15
N GLU A 311 -6.93 -12.22 -3.86
CA GLU A 311 -6.29 -13.36 -3.26
C GLU A 311 -4.82 -13.00 -2.94
N SER A 312 -4.19 -12.25 -3.84
CA SER A 312 -2.83 -11.79 -3.61
C SER A 312 -2.78 -11.00 -2.28
N LEU A 313 -3.77 -10.15 -2.06
CA LEU A 313 -3.85 -9.35 -0.83
C LEU A 313 -4.19 -10.17 0.41
N ARG A 314 -4.79 -11.33 0.23
CA ARG A 314 -5.13 -12.20 1.34
C ARG A 314 -3.88 -12.91 1.88
N LEU A 315 -3.05 -13.43 0.98
CA LEU A 315 -1.81 -14.09 1.36
C LEU A 315 -0.68 -13.10 1.57
N TYR A 316 -0.66 -12.03 0.79
CA TYR A 316 0.38 -11.03 0.86
C TYR A 316 -0.14 -9.60 1.00
N PRO A 317 -0.72 -9.26 2.16
CA PRO A 317 -1.10 -7.88 2.43
C PRO A 317 0.12 -7.04 2.84
N PRO A 318 0.47 -6.03 2.04
CA PRO A 318 1.58 -5.14 2.37
C PRO A 318 1.39 -4.49 3.73
N ALA A 319 0.18 -4.03 4.02
CA ALA A 319 -0.10 -3.42 5.30
C ALA A 319 -0.84 -4.49 6.09
N TRP A 320 -0.10 -5.16 6.96
CA TRP A 320 -0.58 -6.37 7.60
C TRP A 320 -1.67 -6.20 8.65
N GLY A 321 -1.79 -5.01 9.21
CA GLY A 321 -2.82 -4.75 10.21
C GLY A 321 -2.97 -3.32 10.65
N THR A 322 -3.62 -3.14 11.80
CA THR A 322 -3.83 -1.82 12.39
C THR A 322 -4.00 -1.93 13.93
N PHE A 323 -3.92 -0.81 14.63
CA PHE A 323 -4.08 -0.77 16.08
C PHE A 323 -5.27 0.10 16.49
N ARG A 324 -5.98 -0.32 17.53
CA ARG A 324 -6.98 0.52 18.18
C ARG A 324 -6.75 0.56 19.70
N LEU A 325 -6.85 1.74 20.29
CA LEU A 325 -6.73 1.88 21.75
C LEU A 325 -8.01 1.42 22.40
N LEU A 326 -7.90 0.42 23.27
CA LEU A 326 -9.02 0.05 24.12
C LEU A 326 -8.85 0.88 25.39
N GLU A 327 -9.71 1.87 25.59
CA GLU A 327 -9.60 2.75 26.78
C GLU A 327 -10.20 2.19 28.07
N GLU A 328 -11.42 1.66 28.00
CA GLU A 328 -12.06 1.00 29.15
C GLU A 328 -11.83 -0.51 29.07
N GLU A 329 -11.43 -1.10 30.19
CA GLU A 329 -11.31 -2.56 30.30
C GLU A 329 -12.59 -3.21 29.79
N THR A 330 -12.43 -4.18 28.88
CA THR A 330 -13.58 -4.79 28.23
C THR A 330 -13.38 -6.30 28.20
N LEU A 331 -14.47 -7.03 27.97
CA LEU A 331 -14.39 -8.46 27.81
C LEU A 331 -14.39 -8.78 26.32
N ILE A 332 -13.29 -9.31 25.84
CA ILE A 332 -13.16 -9.67 24.42
C ILE A 332 -13.05 -11.18 24.32
N ASP A 333 -14.03 -11.79 23.64
CA ASP A 333 -14.10 -13.25 23.50
C ASP A 333 -13.78 -13.98 24.80
N GLY A 334 -14.50 -13.63 25.85
CA GLY A 334 -14.35 -14.29 27.15
C GLY A 334 -13.10 -13.95 27.95
N VAL A 335 -12.25 -13.09 27.37
CA VAL A 335 -11.04 -12.65 28.05
C VAL A 335 -11.17 -11.18 28.49
N ARG A 336 -10.89 -10.94 29.76
CA ARG A 336 -10.86 -9.59 30.29
C ARG A 336 -9.56 -8.96 29.78
N VAL A 337 -9.71 -7.83 29.10
CA VAL A 337 -8.56 -7.08 28.61
C VAL A 337 -8.56 -5.74 29.32
N PRO A 338 -7.44 -5.39 29.96
CA PRO A 338 -7.36 -4.19 30.79
C PRO A 338 -7.39 -2.89 29.99
N GLY A 339 -7.92 -1.84 30.60
CA GLY A 339 -7.91 -0.50 30.01
C GLY A 339 -6.55 -0.04 29.53
N ASN A 340 -6.56 0.97 28.66
CA ASN A 340 -5.33 1.52 28.10
C ASN A 340 -4.45 0.51 27.34
N THR A 341 -5.10 -0.42 26.65
CA THR A 341 -4.41 -1.51 25.95
C THR A 341 -4.57 -1.35 24.44
N PRO A 342 -3.45 -1.35 23.71
CA PRO A 342 -3.47 -1.36 22.24
C PRO A 342 -3.93 -2.72 21.67
N LEU A 343 -4.95 -2.68 20.82
CA LEU A 343 -5.41 -3.87 20.12
C LEU A 343 -4.80 -3.97 18.75
N LEU A 344 -4.22 -5.14 18.47
CA LEU A 344 -3.62 -5.41 17.16
C LEU A 344 -4.66 -6.22 16.39
N PHE A 345 -4.88 -5.85 15.13
CA PHE A 345 -5.77 -6.58 14.22
C PHE A 345 -4.94 -6.90 12.99
N SER A 346 -5.02 -8.13 12.50
CA SER A 346 -4.09 -8.57 11.47
C SER A 346 -4.81 -9.32 10.38
N THR A 347 -4.85 -8.72 9.19
CA THR A 347 -5.43 -9.40 8.01
C THR A 347 -4.49 -10.49 7.51
N TYR A 348 -3.19 -10.26 7.64
CA TYR A 348 -2.17 -11.32 7.39
C TYR A 348 -2.43 -12.56 8.21
N VAL A 349 -2.66 -12.40 9.51
CA VAL A 349 -2.89 -13.55 10.39
C VAL A 349 -4.20 -14.26 10.05
N MET A 350 -5.31 -13.52 10.02
CA MET A 350 -6.61 -14.14 9.74
C MET A 350 -6.66 -14.83 8.39
N GLY A 351 -6.04 -14.20 7.40
CA GLY A 351 -5.93 -14.79 6.05
C GLY A 351 -5.23 -16.12 5.96
N ARG A 352 -4.46 -16.46 7.00
CA ARG A 352 -3.72 -17.71 7.03
C ARG A 352 -4.19 -18.71 8.11
N MET A 353 -5.34 -18.43 8.72
CA MET A 353 -5.98 -19.39 9.65
C MET A 353 -6.99 -20.27 8.89
N ASP A 354 -6.84 -21.59 9.00
CA ASP A 354 -7.77 -22.52 8.34
C ASP A 354 -9.15 -22.51 8.97
N THR A 355 -9.27 -21.82 10.09
CA THR A 355 -10.58 -21.57 10.70
C THR A 355 -11.43 -20.71 9.78
N TYR A 356 -10.80 -19.81 9.02
CA TYR A 356 -11.53 -18.81 8.22
C TYR A 356 -11.42 -19.03 6.73
N PHE A 357 -10.42 -19.82 6.32
CA PHE A 357 -10.12 -20.06 4.93
C PHE A 357 -9.62 -21.47 4.73
N GLU A 358 -10.41 -22.32 4.09
CA GLU A 358 -9.98 -23.70 3.82
C GLU A 358 -8.63 -23.72 3.10
N ASP A 359 -7.72 -24.56 3.59
CA ASP A 359 -6.42 -24.82 2.94
C ASP A 359 -5.69 -23.49 2.64
N PRO A 360 -5.38 -22.73 3.70
CA PRO A 360 -5.04 -21.31 3.55
C PRO A 360 -3.74 -20.97 2.83
N LEU A 361 -2.83 -21.93 2.69
CA LEU A 361 -1.56 -21.65 2.02
C LEU A 361 -1.66 -21.74 0.50
N THR A 362 -2.82 -22.19 0.02
CA THR A 362 -3.09 -22.30 -1.40
C THR A 362 -3.63 -21.01 -2.01
N PHE A 363 -2.95 -20.55 -3.06
CA PHE A 363 -3.34 -19.36 -3.78
C PHE A 363 -4.45 -19.81 -4.72
N ASN A 364 -5.68 -19.50 -4.34
CA ASN A 364 -6.86 -19.94 -5.09
C ASN A 364 -7.78 -18.76 -5.28
N PRO A 365 -7.71 -18.12 -6.45
CA PRO A 365 -8.52 -16.93 -6.74
C PRO A 365 -10.05 -17.18 -6.83
N ASP A 366 -10.43 -18.43 -7.08
CA ASP A 366 -11.86 -18.80 -7.06
C ASP A 366 -12.58 -18.47 -5.76
N ARG A 367 -11.82 -18.33 -4.67
CA ARG A 367 -12.37 -17.98 -3.34
C ARG A 367 -13.19 -16.71 -3.42
N PHE A 368 -12.89 -15.88 -4.42
CA PHE A 368 -13.55 -14.59 -4.54
C PHE A 368 -14.39 -14.58 -5.80
N GLY A 369 -14.66 -15.78 -6.33
CA GLY A 369 -15.50 -15.94 -7.50
C GLY A 369 -16.93 -15.44 -7.26
N PRO A 370 -17.66 -15.15 -8.32
CA PRO A 370 -19.04 -14.66 -8.17
C PRO A 370 -19.90 -15.77 -7.53
N GLY A 371 -20.63 -15.41 -6.47
CA GLY A 371 -21.46 -16.39 -5.78
C GLY A 371 -20.86 -16.91 -4.48
N ALA A 372 -19.55 -16.75 -4.32
CA ALA A 372 -18.92 -17.09 -3.06
C ALA A 372 -19.34 -16.05 -2.02
N PRO A 373 -19.69 -16.50 -0.81
CA PRO A 373 -19.93 -15.57 0.28
C PRO A 373 -18.66 -14.74 0.49
N LYS A 374 -18.82 -13.43 0.55
CA LYS A 374 -17.72 -12.54 0.83
C LYS A 374 -17.20 -12.87 2.22
N PRO A 375 -15.87 -12.89 2.39
CA PRO A 375 -15.28 -13.15 3.71
C PRO A 375 -15.86 -12.14 4.70
N ARG A 376 -16.10 -12.58 5.92
CA ARG A 376 -16.81 -11.78 6.88
C ARG A 376 -15.92 -11.34 8.04
N PHE A 377 -15.34 -10.15 7.89
CA PHE A 377 -14.39 -9.60 8.85
C PHE A 377 -13.16 -10.47 9.10
N THR A 378 -12.82 -11.30 8.12
CA THR A 378 -11.66 -12.19 8.21
C THR A 378 -10.60 -11.77 7.19
N TYR A 379 -10.83 -10.64 6.54
CA TYR A 379 -10.06 -10.20 5.39
C TYR A 379 -10.23 -8.69 5.21
N PHE A 380 -9.14 -7.95 5.36
CA PHE A 380 -9.20 -6.50 5.25
C PHE A 380 -7.85 -5.84 4.87
N PRO A 381 -7.41 -6.06 3.64
CA PRO A 381 -6.10 -5.52 3.21
C PRO A 381 -6.05 -3.97 3.16
N PHE A 382 -7.23 -3.34 3.21
CA PHE A 382 -7.34 -1.88 3.16
C PHE A 382 -7.93 -1.40 4.48
N SER A 383 -7.83 -2.27 5.49
CA SER A 383 -8.49 -2.05 6.79
C SER A 383 -9.99 -1.88 6.62
N LEU A 384 -10.66 -1.45 7.69
CA LEU A 384 -12.13 -1.30 7.68
C LEU A 384 -12.60 -0.08 8.53
N GLY A 385 -13.84 0.35 8.29
CA GLY A 385 -14.44 1.42 9.08
C GLY A 385 -13.87 2.75 8.65
N HIS A 386 -13.89 3.72 9.55
CA HIS A 386 -13.50 5.09 9.22
C HIS A 386 -11.99 5.30 8.94
N ARG A 387 -11.15 4.43 9.50
CA ARG A 387 -9.72 4.60 9.30
C ARG A 387 -9.22 3.72 8.16
N SER A 388 -10.17 3.21 7.37
CA SER A 388 -9.85 2.45 6.20
C SER A 388 -9.10 3.30 5.18
N CYS A 389 -8.50 2.63 4.20
CA CYS A 389 -7.70 3.28 3.19
C CYS A 389 -8.51 4.25 2.32
N ILE A 390 -8.09 5.50 2.29
CA ILE A 390 -8.70 6.52 1.44
C ILE A 390 -8.37 6.20 -0.01
N GLY A 391 -7.28 5.48 -0.22
CA GLY A 391 -6.79 5.19 -1.58
C GLY A 391 -7.21 3.87 -2.16
N GLN A 392 -8.18 3.21 -1.54
CA GLN A 392 -8.60 1.87 -2.01
C GLN A 392 -8.94 1.81 -3.51
N GLN A 393 -10.02 2.51 -3.91
CA GLN A 393 -10.42 2.57 -5.32
C GLN A 393 -9.27 3.05 -6.18
N PHE A 394 -8.53 4.05 -5.68
CA PHE A 394 -7.36 4.59 -6.38
C PHE A 394 -6.35 3.48 -6.72
N ALA A 395 -6.01 2.66 -5.72
CA ALA A 395 -5.02 1.61 -5.91
C ALA A 395 -5.59 0.45 -6.69
N GLN A 396 -6.85 0.11 -6.45
CA GLN A 396 -7.49 -0.96 -7.22
C GLN A 396 -7.53 -0.60 -8.71
N MET A 397 -7.81 0.65 -9.03
CA MET A 397 -7.78 1.11 -10.43
C MET A 397 -6.36 1.02 -11.00
N GLU A 398 -5.42 1.73 -10.39
CA GLU A 398 -4.01 1.70 -10.85
C GLU A 398 -3.42 0.27 -10.98
N VAL A 399 -3.78 -0.61 -10.06
CA VAL A 399 -3.23 -1.97 -10.09
C VAL A 399 -3.81 -2.88 -11.21
N LYS A 400 -5.08 -2.68 -11.52
CA LYS A 400 -5.70 -3.33 -12.67
C LYS A 400 -5.09 -2.83 -13.99
N VAL A 401 -4.78 -1.55 -14.07
CA VAL A 401 -4.21 -0.99 -15.31
C VAL A 401 -2.82 -1.52 -15.61
N VAL A 402 -1.94 -1.54 -14.60
CA VAL A 402 -0.59 -2.08 -14.75
C VAL A 402 -0.62 -3.57 -15.05
N MET A 403 -1.32 -4.32 -14.21
CA MET A 403 -1.46 -5.77 -14.41
C MET A 403 -2.15 -6.13 -15.74
N ALA A 404 -3.20 -5.40 -16.11
CA ALA A 404 -3.86 -5.62 -17.40
C ALA A 404 -2.85 -5.49 -18.55
N LYS A 405 -2.05 -4.42 -18.50
CA LYS A 405 -1.07 -4.16 -19.56
C LYS A 405 0.09 -5.14 -19.60
N LEU A 406 0.57 -5.55 -18.44
CA LEU A 406 1.60 -6.59 -18.36
C LEU A 406 1.11 -7.91 -18.92
N LEU A 407 -0.08 -8.32 -18.48
CA LEU A 407 -0.70 -9.56 -18.98
C LEU A 407 -0.98 -9.52 -20.48
N GLN A 408 -1.34 -8.35 -20.99
CA GLN A 408 -1.61 -8.13 -22.42
C GLN A 408 -0.39 -8.36 -23.32
N ARG A 409 0.79 -7.97 -22.86
CA ARG A 409 1.97 -7.88 -23.73
C ARG A 409 3.20 -8.74 -23.38
N LEU A 410 3.32 -9.16 -22.13
CA LEU A 410 4.53 -9.85 -21.70
C LEU A 410 4.31 -11.11 -20.85
N GLU A 411 5.34 -11.96 -20.82
CA GLU A 411 5.37 -13.12 -19.96
C GLU A 411 6.66 -13.05 -19.15
N PHE A 412 6.58 -13.47 -17.90
CA PHE A 412 7.68 -13.34 -16.96
C PHE A 412 8.03 -14.72 -16.44
N ARG A 413 9.32 -15.06 -16.44
CA ARG A 413 9.80 -16.24 -15.74
C ARG A 413 10.72 -15.74 -14.65
N LEU A 414 10.68 -16.40 -13.50
CA LEU A 414 11.49 -16.00 -12.37
C LEU A 414 12.88 -16.61 -12.50
N VAL A 415 13.91 -15.80 -12.27
CA VAL A 415 15.29 -16.28 -12.37
C VAL A 415 15.58 -17.30 -11.26
N PRO A 416 16.20 -18.44 -11.61
CA PRO A 416 16.59 -19.43 -10.61
C PRO A 416 17.37 -18.77 -9.46
N GLY A 417 17.07 -19.17 -8.23
CA GLY A 417 17.68 -18.54 -7.06
C GLY A 417 16.82 -17.43 -6.45
N GLN A 418 15.67 -17.17 -7.07
CA GLN A 418 14.75 -16.17 -6.55
C GLN A 418 13.78 -16.85 -5.61
N ARG A 419 13.72 -16.36 -4.38
CA ARG A 419 12.86 -16.96 -3.35
C ARG A 419 11.46 -16.37 -3.28
N PHE A 420 10.49 -17.23 -2.98
CA PHE A 420 9.13 -16.83 -2.63
C PHE A 420 9.13 -16.66 -1.12
N GLY A 421 8.79 -15.47 -0.65
CA GLY A 421 8.86 -15.19 0.78
C GLY A 421 8.82 -13.70 1.08
N LEU A 422 8.92 -13.36 2.35
CA LEU A 422 8.63 -12.00 2.80
C LEU A 422 9.72 -11.36 3.64
N GLN A 423 9.68 -10.04 3.72
CA GLN A 423 10.46 -9.29 4.70
C GLN A 423 9.53 -8.22 5.29
N GLU A 424 9.82 -7.80 6.53
CA GLU A 424 8.83 -7.04 7.30
C GLU A 424 8.93 -5.53 7.16
N GLN A 425 10.10 -5.02 6.80
CA GLN A 425 10.25 -3.57 6.54
C GLN A 425 9.17 -2.65 7.17
N ALA A 426 8.93 -1.50 6.53
CA ALA A 426 7.81 -0.65 6.90
C ALA A 426 6.45 -1.27 6.48
N THR A 427 6.50 -2.12 5.46
CA THR A 427 5.36 -2.90 5.03
C THR A 427 5.88 -4.28 4.70
N LEU A 428 4.99 -5.22 4.42
CA LEU A 428 5.39 -6.50 3.93
C LEU A 428 5.71 -6.34 2.46
N LYS A 429 6.81 -6.95 2.03
CA LYS A 429 7.20 -6.99 0.60
C LYS A 429 8.04 -8.26 0.36
N PRO A 430 8.22 -8.65 -0.90
CA PRO A 430 9.03 -9.82 -1.19
C PRO A 430 10.41 -9.67 -0.61
N LEU A 431 10.91 -10.73 0.00
CA LEU A 431 12.26 -10.77 0.51
C LEU A 431 13.23 -10.48 -0.65
N ASP A 432 13.10 -11.22 -1.74
CA ASP A 432 13.94 -10.98 -2.94
C ASP A 432 13.33 -9.86 -3.80
N PRO A 433 14.14 -9.25 -4.68
CA PRO A 433 13.56 -8.34 -5.65
C PRO A 433 12.79 -9.38 -6.46
N VAL A 434 12.16 -9.03 -7.55
CA VAL A 434 11.37 -10.05 -8.24
C VAL A 434 12.01 -10.21 -9.58
N LEU A 435 13.27 -10.63 -9.55
CA LEU A 435 14.11 -10.69 -10.74
C LEU A 435 13.52 -11.65 -11.74
N CYS A 436 13.28 -11.16 -12.94
CA CYS A 436 12.64 -11.97 -13.97
C CYS A 436 13.37 -11.88 -15.33
N THR A 437 13.20 -12.91 -16.14
CA THR A 437 13.45 -12.80 -17.57
C THR A 437 12.10 -12.57 -18.25
N LEU A 438 12.12 -11.86 -19.38
CA LEU A 438 10.91 -11.43 -20.04
C LEU A 438 10.84 -11.85 -21.50
N ARG A 439 9.65 -12.23 -21.95
CA ARG A 439 9.41 -12.53 -23.36
C ARG A 439 8.13 -11.79 -23.81
N PRO A 440 8.00 -11.53 -25.11
CA PRO A 440 6.73 -11.07 -25.69
C PRO A 440 5.69 -12.19 -25.66
N ARG A 441 4.41 -11.83 -25.64
CA ARG A 441 3.34 -12.82 -25.65
C ARG A 441 3.29 -13.49 -27.02
N GLY A 442 3.46 -14.81 -27.03
CA GLY A 442 3.73 -15.55 -28.26
C GLY A 442 5.21 -15.50 -28.64
#